data_4MF7
#
_entry.id   4MF7
#
_cell.length_a   78.526
_cell.length_b   88.951
_cell.length_c   78.127
_cell.angle_alpha   90.00
_cell.angle_beta   90.00
_cell.angle_gamma   90.00
#
_symmetry.space_group_name_H-M   'C 2 2 21'
#
loop_
_entity.id
_entity.type
_entity.pdbx_description
1 polymer 'glutathione S-transferase enzyme with thioredoxin-like domain'
2 water water
#
_entity_poly.entity_id   1
_entity_poly.type   'polypeptide(L)'
_entity_poly.pdbx_seq_one_letter_code
;MHHHHHHSSGVDLGTENLYFQSMSDLSSFPITKRWPAQHSDRIQLYSLPTPNGVKVSIMLEETGLPYEPHAIDFGKDHQK
TPEFLSLNPNGKIPAIIDPNGPGDKPLGLFESGAILQYLAEKTGQFLPADPARRWQTLQWLHFQMGGIGPMFGQLGFFHK
FAGREYEDKRPLQRYVAESKRLLGVLEARLDGRQWIMDADYTIADIATLGWVRNLIGFYGARELVAFDELTHVPAWLERG
LARPAVQRGLEIPKRP
;
_entity_poly.pdbx_strand_id   A
#
# COMPACT_ATOMS: atom_id res chain seq x y z
N LEU A 26 14.40 -16.27 -11.70
CA LEU A 26 14.22 -15.89 -10.25
C LEU A 26 15.09 -16.61 -9.24
N SER A 27 15.76 -17.69 -9.67
CA SER A 27 16.71 -18.43 -8.84
C SER A 27 17.90 -17.61 -8.38
N SER A 28 18.25 -16.57 -9.14
CA SER A 28 19.31 -15.65 -8.72
C SER A 28 18.88 -14.72 -7.57
N PHE A 29 17.61 -14.79 -7.16
CA PHE A 29 17.11 -14.06 -5.99
C PHE A 29 17.02 -14.99 -4.79
N PRO A 30 17.94 -14.82 -3.81
CA PRO A 30 17.98 -15.76 -2.67
C PRO A 30 16.71 -15.83 -1.81
N ILE A 31 15.89 -14.79 -1.84
CA ILE A 31 14.62 -14.84 -1.11
C ILE A 31 13.76 -16.03 -1.54
N THR A 32 13.87 -16.41 -2.82
CA THR A 32 13.09 -17.54 -3.34
C THR A 32 13.47 -18.92 -2.77
N LYS A 33 14.60 -19.02 -2.08
CA LYS A 33 14.98 -20.25 -1.35
C LYS A 33 14.10 -20.46 -0.13
N ARG A 34 13.73 -19.36 0.55
CA ARG A 34 12.81 -19.43 1.69
C ARG A 34 11.31 -19.30 1.35
N TRP A 35 10.99 -18.50 0.34
CA TRP A 35 9.61 -18.35 -0.17
C TRP A 35 9.60 -18.66 -1.65
N PRO A 36 9.52 -19.96 -2.00
CA PRO A 36 9.64 -20.35 -3.41
C PRO A 36 8.53 -19.80 -4.29
N ALA A 37 8.85 -19.52 -5.54
CA ALA A 37 7.87 -19.06 -6.50
C ALA A 37 7.20 -20.27 -7.15
N GLN A 38 5.91 -20.47 -6.87
CA GLN A 38 5.10 -21.51 -7.56
C GLN A 38 4.77 -21.09 -8.99
N HIS A 39 4.73 -19.76 -9.24
CA HIS A 39 4.39 -19.17 -10.51
C HIS A 39 5.41 -18.10 -10.85
N SER A 40 6.50 -18.53 -11.48
CA SER A 40 7.67 -17.67 -11.68
C SER A 40 7.48 -16.63 -12.79
N ASP A 41 6.37 -16.69 -13.52
CA ASP A 41 5.98 -15.65 -14.45
C ASP A 41 5.09 -14.58 -13.81
N ARG A 42 4.83 -14.70 -12.51
CA ARG A 42 4.02 -13.71 -11.79
C ARG A 42 4.89 -12.85 -10.86
N ILE A 43 4.45 -11.60 -10.66
CA ILE A 43 5.03 -10.73 -9.61
C ILE A 43 4.99 -11.46 -8.28
N GLN A 44 6.13 -11.54 -7.60
CA GLN A 44 6.18 -12.11 -6.29
C GLN A 44 6.04 -10.97 -5.29
N LEU A 45 5.09 -11.12 -4.37
CA LEU A 45 4.85 -10.12 -3.30
C LEU A 45 5.25 -10.71 -1.96
N TYR A 46 6.15 -10.02 -1.25
CA TYR A 46 6.61 -10.44 0.07
C TYR A 46 6.13 -9.42 1.06
N SER A 47 5.15 -9.76 1.89
CA SER A 47 4.41 -8.75 2.60
C SER A 47 3.63 -9.28 3.77
N LEU A 48 2.89 -8.37 4.39
CA LEU A 48 1.91 -8.65 5.45
C LEU A 48 0.82 -7.62 5.27
N PRO A 49 -0.42 -7.93 5.68
CA PRO A 49 -1.53 -7.00 5.50
C PRO A 49 -1.55 -5.85 6.52
N THR A 50 -0.45 -5.12 6.59
CA THR A 50 -0.29 -3.95 7.43
C THR A 50 -0.67 -2.72 6.58
N PRO A 51 -0.78 -1.55 7.23
CA PRO A 51 -1.07 -0.33 6.45
C PRO A 51 -0.06 -0.08 5.33
N ASN A 52 1.21 -0.40 5.55
CA ASN A 52 2.19 -0.25 4.49
C ASN A 52 2.12 -1.39 3.44
N GLY A 53 1.87 -2.62 3.90
CA GLY A 53 1.79 -3.77 3.00
C GLY A 53 0.58 -3.74 2.10
N VAL A 54 -0.58 -3.33 2.62
CA VAL A 54 -1.79 -3.35 1.81
C VAL A 54 -1.78 -2.33 0.69
N LYS A 55 -0.91 -1.31 0.76
CA LYS A 55 -0.76 -0.42 -0.37
C LYS A 55 -0.47 -1.19 -1.66
N VAL A 56 0.46 -2.13 -1.56
CA VAL A 56 0.93 -2.85 -2.71
C VAL A 56 0.01 -3.99 -3.11
N SER A 57 -0.55 -4.74 -2.16
CA SER A 57 -1.59 -5.75 -2.54
C SER A 57 -2.82 -5.10 -3.16
N ILE A 58 -3.27 -3.95 -2.63
CA ILE A 58 -4.37 -3.20 -3.25
C ILE A 58 -4.02 -2.78 -4.66
N MET A 59 -2.81 -2.22 -4.82
CA MET A 59 -2.37 -1.83 -6.16
C MET A 59 -2.37 -3.02 -7.12
N LEU A 60 -1.82 -4.15 -6.70
CA LEU A 60 -1.82 -5.37 -7.54
C LEU A 60 -3.24 -5.84 -7.88
N GLU A 61 -4.15 -5.80 -6.91
CA GLU A 61 -5.55 -6.16 -7.19
C GLU A 61 -6.21 -5.15 -8.11
N GLU A 62 -5.97 -3.85 -7.89
CA GLU A 62 -6.56 -2.80 -8.72
C GLU A 62 -6.16 -2.87 -10.18
N THR A 63 -4.88 -3.10 -10.42
CA THR A 63 -4.36 -3.19 -11.78
C THR A 63 -4.72 -4.49 -12.50
N GLY A 64 -5.07 -5.53 -11.74
CA GLY A 64 -5.36 -6.85 -12.31
C GLY A 64 -4.11 -7.64 -12.69
N LEU A 65 -2.93 -7.17 -12.30
CA LEU A 65 -1.70 -7.88 -12.59
C LEU A 65 -1.67 -9.24 -11.89
N PRO A 66 -1.24 -10.30 -12.60
CA PRO A 66 -0.99 -11.54 -11.87
C PRO A 66 0.12 -11.41 -10.84
N TYR A 67 -0.10 -11.97 -9.65
CA TYR A 67 0.88 -11.93 -8.59
C TYR A 67 0.74 -13.08 -7.64
N GLU A 68 1.83 -13.36 -6.94
CA GLU A 68 1.94 -14.44 -6.00
C GLU A 68 2.37 -13.93 -4.64
N PRO A 69 1.41 -13.86 -3.67
CA PRO A 69 1.75 -13.35 -2.37
C PRO A 69 2.39 -14.35 -1.41
N HIS A 70 3.28 -13.84 -0.57
CA HIS A 70 3.98 -14.60 0.45
C HIS A 70 3.97 -13.80 1.75
N ALA A 71 3.36 -14.37 2.78
CA ALA A 71 3.37 -13.77 4.11
C ALA A 71 4.74 -13.91 4.73
N ILE A 72 5.26 -12.82 5.26
CA ILE A 72 6.56 -12.78 5.90
C ILE A 72 6.30 -12.77 7.40
N ASP A 73 6.66 -13.85 8.08
CA ASP A 73 6.33 -14.02 9.51
C ASP A 73 7.31 -13.27 10.41
N PHE A 74 6.91 -12.08 10.84
CA PHE A 74 7.72 -11.26 11.75
C PHE A 74 7.78 -11.86 13.15
N GLY A 75 6.75 -12.64 13.52
CA GLY A 75 6.73 -13.39 14.77
C GLY A 75 7.86 -14.41 14.90
N LYS A 76 8.37 -14.88 13.76
CA LYS A 76 9.52 -15.79 13.73
C LYS A 76 10.79 -15.12 13.23
N ASP A 77 10.78 -13.78 13.18
CA ASP A 77 11.90 -12.98 12.67
C ASP A 77 12.31 -13.33 11.23
N HIS A 78 11.33 -13.73 10.41
CA HIS A 78 11.66 -14.13 9.03
C HIS A 78 12.16 -12.94 8.18
N GLN A 79 11.76 -11.72 8.54
CA GLN A 79 12.30 -10.50 7.90
C GLN A 79 13.81 -10.26 8.18
N LYS A 80 14.35 -10.92 9.20
CA LYS A 80 15.78 -10.85 9.53
C LYS A 80 16.60 -12.00 8.95
N THR A 81 15.98 -12.88 8.18
CA THR A 81 16.70 -14.01 7.60
C THR A 81 17.58 -13.52 6.48
N PRO A 82 18.69 -14.23 6.18
CA PRO A 82 19.49 -13.78 5.03
C PRO A 82 18.72 -13.80 3.70
N GLU A 83 17.71 -14.65 3.60
CA GLU A 83 16.94 -14.75 2.36
C GLU A 83 16.08 -13.47 2.16
N PHE A 84 15.40 -13.03 3.20
CA PHE A 84 14.60 -11.82 3.07
C PHE A 84 15.50 -10.60 2.85
N LEU A 85 16.56 -10.49 3.67
CA LEU A 85 17.46 -9.32 3.57
C LEU A 85 18.16 -9.24 2.23
N SER A 86 18.27 -10.36 1.53
CA SER A 86 18.87 -10.34 0.18
C SER A 86 18.05 -9.51 -0.80
N LEU A 87 16.74 -9.39 -0.55
CA LEU A 87 15.87 -8.52 -1.36
C LEU A 87 15.73 -7.10 -0.79
N ASN A 88 15.43 -7.01 0.49
CA ASN A 88 15.37 -5.72 1.18
C ASN A 88 16.30 -5.73 2.41
N PRO A 89 17.54 -5.24 2.24
CA PRO A 89 18.47 -5.19 3.38
C PRO A 89 17.92 -4.39 4.57
N ASN A 90 16.95 -3.52 4.32
CA ASN A 90 16.24 -2.80 5.39
C ASN A 90 15.36 -3.65 6.28
N GLY A 91 15.00 -4.85 5.83
CA GLY A 91 14.17 -5.74 6.64
C GLY A 91 12.71 -5.34 6.78
N LYS A 92 12.20 -4.56 5.81
CA LYS A 92 10.81 -4.14 5.85
C LYS A 92 10.01 -4.70 4.72
N ILE A 93 8.71 -4.83 4.96
CA ILE A 93 7.74 -5.16 3.92
C ILE A 93 6.99 -3.89 3.54
N PRO A 94 6.37 -3.86 2.35
CA PRO A 94 6.38 -4.89 1.31
C PRO A 94 7.59 -4.81 0.40
N ALA A 95 7.89 -5.93 -0.26
CA ALA A 95 8.88 -5.98 -1.34
C ALA A 95 8.29 -6.82 -2.45
N ILE A 96 8.68 -6.55 -3.68
CA ILE A 96 8.29 -7.37 -4.84
C ILE A 96 9.50 -7.80 -5.68
N ILE A 97 9.30 -8.87 -6.45
CA ILE A 97 10.14 -9.12 -7.62
C ILE A 97 9.19 -9.25 -8.80
N ASP A 98 9.35 -8.37 -9.77
CA ASP A 98 8.62 -8.47 -11.01
C ASP A 98 9.51 -9.26 -12.00
N PRO A 99 9.15 -10.52 -12.32
CA PRO A 99 9.98 -11.28 -13.28
C PRO A 99 9.99 -10.66 -14.68
N ASN A 100 8.97 -9.87 -15.01
CA ASN A 100 8.82 -9.17 -16.28
C ASN A 100 9.13 -7.66 -16.14
N GLY A 101 10.31 -7.38 -15.63
CA GLY A 101 10.71 -6.01 -15.35
C GLY A 101 11.23 -5.33 -16.60
N PRO A 102 11.72 -4.10 -16.44
CA PRO A 102 12.23 -3.35 -17.59
C PRO A 102 13.30 -4.14 -18.32
N GLY A 103 13.24 -4.09 -19.65
CA GLY A 103 14.17 -4.86 -20.49
C GLY A 103 13.96 -6.37 -20.38
N ASP A 104 12.75 -6.76 -19.98
CA ASP A 104 12.40 -8.17 -19.72
C ASP A 104 13.43 -8.94 -18.88
N LYS A 105 13.93 -8.30 -17.82
CA LYS A 105 14.73 -8.95 -16.79
C LYS A 105 13.94 -8.78 -15.48
N PRO A 106 14.12 -9.70 -14.51
CA PRO A 106 13.43 -9.52 -13.23
C PRO A 106 13.97 -8.28 -12.51
N LEU A 107 13.09 -7.64 -11.77
CA LEU A 107 13.44 -6.45 -10.99
C LEU A 107 12.95 -6.63 -9.58
N GLY A 108 13.86 -6.57 -8.60
CA GLY A 108 13.49 -6.61 -7.20
C GLY A 108 13.37 -5.18 -6.70
N LEU A 109 12.30 -4.89 -5.95
CA LEU A 109 12.05 -3.53 -5.56
C LEU A 109 11.40 -3.50 -4.18
N PHE A 110 11.88 -2.63 -3.32
CA PHE A 110 11.23 -2.38 -2.06
C PHE A 110 10.89 -0.90 -1.95
N GLU A 111 10.26 -0.53 -0.84
CA GLU A 111 9.80 0.82 -0.56
C GLU A 111 8.47 0.99 -1.24
N SER A 112 7.41 1.03 -0.44
CA SER A 112 6.03 1.03 -0.97
C SER A 112 5.72 2.14 -1.97
N GLY A 113 6.27 3.35 -1.75
CA GLY A 113 6.09 4.44 -2.71
C GLY A 113 6.71 4.19 -4.07
N ALA A 114 7.94 3.70 -4.07
CA ALA A 114 8.65 3.30 -5.28
C ALA A 114 7.84 2.21 -6.02
N ILE A 115 7.30 1.27 -5.25
CA ILE A 115 6.57 0.14 -5.85
C ILE A 115 5.29 0.62 -6.49
N LEU A 116 4.52 1.49 -5.81
CA LEU A 116 3.30 2.05 -6.34
C LEU A 116 3.57 2.81 -7.62
N GLN A 117 4.62 3.63 -7.62
CA GLN A 117 4.96 4.33 -8.86
C GLN A 117 5.34 3.39 -9.99
N TYR A 118 6.18 2.41 -9.69
CA TYR A 118 6.61 1.39 -10.65
C TYR A 118 5.42 0.69 -11.29
N LEU A 119 4.49 0.22 -10.45
CA LEU A 119 3.29 -0.46 -10.93
C LEU A 119 2.34 0.46 -11.72
N ALA A 120 2.23 1.73 -11.35
CA ALA A 120 1.44 2.70 -12.08
C ALA A 120 2.00 2.89 -13.49
N GLU A 121 3.31 2.97 -13.59
CA GLU A 121 3.97 3.14 -14.90
CA GLU A 121 3.96 3.16 -14.89
C GLU A 121 3.90 1.88 -15.73
N LYS A 122 4.11 0.72 -15.10
CA LYS A 122 4.05 -0.56 -15.80
C LYS A 122 2.68 -0.74 -16.47
N THR A 123 1.63 -0.30 -15.79
CA THR A 123 0.26 -0.55 -16.22
C THR A 123 -0.38 0.62 -16.92
N GLY A 124 0.19 1.82 -16.80
CA GLY A 124 -0.49 3.02 -17.25
C GLY A 124 -1.78 3.35 -16.55
N GLN A 125 -1.96 2.83 -15.33
CA GLN A 125 -3.16 3.01 -14.53
C GLN A 125 -2.86 3.77 -13.21
N PHE A 126 -3.85 4.51 -12.72
CA PHE A 126 -3.93 5.06 -11.34
C PHE A 126 -3.02 6.28 -11.13
N LEU A 127 -2.71 6.97 -12.22
CA LEU A 127 -2.15 8.33 -12.16
C LEU A 127 -3.01 9.28 -13.01
N PRO A 128 -3.12 10.55 -12.61
CA PRO A 128 -3.85 11.49 -13.47
C PRO A 128 -3.15 11.64 -14.82
N ALA A 129 -3.87 12.19 -15.82
CA ALA A 129 -3.32 12.37 -17.14
C ALA A 129 -2.41 13.60 -17.16
N ASP A 130 -2.85 14.62 -16.43
CA ASP A 130 -2.23 15.93 -16.42
C ASP A 130 -0.88 15.88 -15.69
N PRO A 131 0.22 16.33 -16.33
CA PRO A 131 1.56 16.32 -15.69
C PRO A 131 1.63 17.00 -14.30
N ALA A 132 1.06 18.18 -14.15
CA ALA A 132 1.12 18.86 -12.84
C ALA A 132 0.44 17.99 -11.75
N ARG A 133 -0.73 17.46 -12.06
CA ARG A 133 -1.47 16.62 -11.12
C ARG A 133 -0.78 15.26 -10.86
N ARG A 134 -0.05 14.73 -11.83
CA ARG A 134 0.78 13.58 -11.58
C ARG A 134 1.80 13.86 -10.50
N TRP A 135 2.50 14.99 -10.58
CA TRP A 135 3.48 15.33 -9.54
C TRP A 135 2.80 15.48 -8.20
N GLN A 136 1.64 16.13 -8.17
CA GLN A 136 0.94 16.34 -6.93
C GLN A 136 0.51 15.02 -6.31
N THR A 137 0.14 14.06 -7.15
CA THR A 137 -0.21 12.70 -6.67
C THR A 137 0.89 12.08 -5.80
N LEU A 138 2.15 12.25 -6.20
CA LEU A 138 3.28 11.67 -5.49
C LEU A 138 3.45 12.18 -4.05
N GLN A 139 2.93 13.38 -3.78
CA GLN A 139 3.01 13.96 -2.45
C GLN A 139 2.37 13.02 -1.43
N TRP A 140 1.34 12.30 -1.85
CA TRP A 140 0.52 11.48 -0.92
C TRP A 140 1.05 10.09 -0.66
N LEU A 141 2.17 9.71 -1.27
CA LEU A 141 2.71 8.38 -1.07
C LEU A 141 3.44 8.25 0.25
N HIS A 142 3.72 9.37 0.90
CA HIS A 142 4.46 9.42 2.17
C HIS A 142 3.80 10.49 3.01
N PHE A 143 2.52 10.25 3.27
CA PHE A 143 1.65 11.16 3.97
C PHE A 143 1.68 10.75 5.41
N GLN A 144 1.14 9.58 5.68
CA GLN A 144 1.18 9.06 7.02
C GLN A 144 2.54 8.49 7.28
N ARG A 170 0.97 8.54 27.78
CA ARG A 170 1.45 9.51 26.81
C ARG A 170 1.61 8.87 25.44
N PRO A 171 1.99 7.57 25.39
CA PRO A 171 2.08 6.93 24.08
C PRO A 171 0.79 7.10 23.27
N LEU A 172 -0.33 6.64 23.83
CA LEU A 172 -1.58 6.65 23.11
C LEU A 172 -2.03 8.07 22.83
N GLN A 173 -1.74 8.97 23.77
CA GLN A 173 -2.08 10.39 23.64
C GLN A 173 -1.35 11.04 22.44
N ARG A 174 -0.10 10.64 22.23
CA ARG A 174 0.69 11.10 21.10
C ARG A 174 0.19 10.52 19.78
N TYR A 175 -0.13 9.23 19.79
CA TYR A 175 -0.65 8.55 18.59
C TYR A 175 -2.01 9.14 18.17
N VAL A 176 -2.83 9.44 19.16
CA VAL A 176 -4.14 10.04 18.92
C VAL A 176 -4.00 11.47 18.39
N ALA A 177 -3.13 12.28 19.00
CA ALA A 177 -2.87 13.65 18.51
C ALA A 177 -2.33 13.64 17.07
N GLU A 178 -1.42 12.73 16.75
CA GLU A 178 -0.88 12.69 15.41
C GLU A 178 -1.93 12.21 14.39
N SER A 179 -2.68 11.19 14.76
CA SER A 179 -3.76 10.65 13.94
C SER A 179 -4.80 11.73 13.61
N LYS A 180 -5.15 12.53 14.62
CA LYS A 180 -6.09 13.63 14.44
C LYS A 180 -5.54 14.69 13.50
N ARG A 181 -4.25 15.01 13.65
CA ARG A 181 -3.64 16.04 12.80
C ARG A 181 -3.66 15.58 11.34
N LEU A 182 -3.27 14.33 11.10
CA LEU A 182 -3.28 13.75 9.75
C LEU A 182 -4.67 13.65 9.15
N LEU A 183 -5.63 13.16 9.94
CA LEU A 183 -7.01 13.14 9.47
C LEU A 183 -7.50 14.52 9.09
N GLY A 184 -7.06 15.55 9.83
CA GLY A 184 -7.45 16.95 9.54
C GLY A 184 -6.96 17.44 8.19
N VAL A 185 -5.71 17.09 7.86
CA VAL A 185 -5.16 17.37 6.55
C VAL A 185 -5.95 16.68 5.45
N LEU A 186 -6.23 15.39 5.63
CA LEU A 186 -7.00 14.65 4.66
C LEU A 186 -8.41 15.21 4.51
N GLU A 187 -9.02 15.57 5.63
CA GLU A 187 -10.36 16.16 5.65
C GLU A 187 -10.40 17.46 4.80
N ALA A 188 -9.40 18.31 5.00
CA ALA A 188 -9.27 19.56 4.25
C ALA A 188 -9.09 19.29 2.75
N ARG A 189 -8.28 18.30 2.39
CA ARG A 189 -8.10 17.93 0.98
C ARG A 189 -9.35 17.39 0.35
N LEU A 190 -10.12 16.58 1.09
CA LEU A 190 -11.23 15.85 0.49
C LEU A 190 -12.55 16.65 0.47
N ASP A 191 -12.54 17.84 1.05
CA ASP A 191 -13.71 18.72 1.00
C ASP A 191 -13.93 19.12 -0.45
N GLY A 192 -15.01 18.62 -1.03
CA GLY A 192 -15.37 18.88 -2.42
C GLY A 192 -14.63 18.04 -3.43
N ARG A 193 -14.04 16.92 -2.99
CA ARG A 193 -13.37 16.01 -3.89
C ARG A 193 -13.85 14.59 -3.68
N GLN A 194 -14.05 13.86 -4.77
CA GLN A 194 -14.38 12.45 -4.67
C GLN A 194 -13.16 11.64 -4.15
N TRP A 195 -12.02 11.86 -4.79
CA TRP A 195 -10.75 11.21 -4.40
C TRP A 195 -9.72 12.30 -4.04
N ILE A 196 -8.54 11.91 -3.56
CA ILE A 196 -7.52 12.88 -3.20
C ILE A 196 -7.19 13.77 -4.42
N MET A 197 -7.19 13.18 -5.61
CA MET A 197 -6.95 13.91 -6.86
C MET A 197 -8.27 14.10 -7.64
N ASP A 198 -9.28 14.54 -6.94
CA ASP A 198 -10.57 14.94 -7.52
C ASP A 198 -11.27 13.75 -8.13
N ALA A 199 -11.57 13.81 -9.44
CA ALA A 199 -12.34 12.76 -10.07
C ALA A 199 -11.55 11.50 -10.30
N ASP A 200 -10.22 11.61 -10.23
CA ASP A 200 -9.34 10.49 -10.54
C ASP A 200 -8.98 9.69 -9.30
N TYR A 201 -9.30 8.40 -9.32
CA TYR A 201 -8.80 7.48 -8.29
C TYR A 201 -7.39 7.10 -8.64
N THR A 202 -6.48 7.29 -7.67
CA THR A 202 -5.06 7.16 -7.95
C THR A 202 -4.30 6.40 -6.89
N ILE A 203 -3.01 6.19 -7.15
CA ILE A 203 -2.10 5.68 -6.14
C ILE A 203 -2.11 6.47 -4.81
N ALA A 204 -2.53 7.74 -4.84
CA ALA A 204 -2.72 8.51 -3.58
C ALA A 204 -3.76 7.89 -2.65
N ASP A 205 -4.93 7.54 -3.18
CA ASP A 205 -5.99 6.84 -2.41
C ASP A 205 -5.53 5.43 -1.99
N ILE A 206 -4.88 4.74 -2.93
CA ILE A 206 -4.39 3.39 -2.69
C ILE A 206 -3.36 3.41 -1.56
N ALA A 207 -2.57 4.48 -1.47
CA ALA A 207 -1.55 4.59 -0.42
C ALA A 207 -2.13 4.91 0.97
N THR A 208 -3.33 5.48 1.02
CA THR A 208 -3.84 6.04 2.27
C THR A 208 -5.08 5.32 2.84
N LEU A 209 -5.86 4.66 1.98
CA LEU A 209 -7.10 4.02 2.46
C LEU A 209 -6.85 3.02 3.58
N GLY A 210 -5.84 2.16 3.42
CA GLY A 210 -5.57 1.11 4.40
C GLY A 210 -5.17 1.67 5.75
N TRP A 211 -4.39 2.72 5.73
CA TRP A 211 -3.95 3.38 6.94
C TRP A 211 -5.14 3.93 7.74
N VAL A 212 -6.02 4.67 7.08
CA VAL A 212 -7.22 5.17 7.75
C VAL A 212 -8.11 4.02 8.26
N ARG A 213 -8.35 3.03 7.41
CA ARG A 213 -9.11 1.82 7.81
C ARG A 213 -8.59 1.20 9.11
N ASN A 214 -7.27 1.10 9.20
CA ASN A 214 -6.62 0.51 10.37
C ASN A 214 -6.65 1.41 11.60
N LEU A 215 -6.56 2.72 11.37
CA LEU A 215 -6.53 3.73 12.43
C LEU A 215 -7.75 3.62 13.34
N ILE A 216 -8.88 3.27 12.72
CA ILE A 216 -10.16 3.18 13.39
C ILE A 216 -10.59 1.72 13.51
N GLY A 217 -9.60 0.83 13.47
CA GLY A 217 -9.84 -0.59 13.43
C GLY A 217 -10.26 -1.12 14.78
N PHE A 218 -9.60 -0.66 15.85
CA PHE A 218 -9.80 -1.23 17.17
C PHE A 218 -10.91 -0.55 17.99
N TYR A 219 -11.34 -1.23 19.05
CA TYR A 219 -12.44 -0.75 19.88
C TYR A 219 -12.10 0.57 20.55
N GLY A 220 -12.94 1.57 20.32
CA GLY A 220 -12.72 2.88 20.89
C GLY A 220 -11.94 3.82 19.99
N ALA A 221 -11.32 3.29 18.94
CA ALA A 221 -10.39 4.10 18.13
C ALA A 221 -11.11 5.27 17.42
N ARG A 222 -12.24 4.98 16.79
CA ARG A 222 -13.05 6.03 16.14
C ARG A 222 -13.35 7.15 17.10
N GLU A 223 -13.80 6.78 18.30
CA GLU A 223 -14.16 7.77 19.32
C GLU A 223 -12.94 8.56 19.75
N LEU A 224 -11.82 7.88 19.94
CA LEU A 224 -10.60 8.57 20.37
C LEU A 224 -10.15 9.68 19.40
N VAL A 225 -10.23 9.40 18.11
CA VAL A 225 -9.80 10.35 17.10
C VAL A 225 -10.94 11.25 16.59
N ALA A 226 -12.11 11.10 17.20
CA ALA A 226 -13.30 11.84 16.81
C ALA A 226 -13.62 11.65 15.34
N PHE A 227 -13.50 10.42 14.86
CA PHE A 227 -13.71 10.16 13.45
C PHE A 227 -15.09 10.58 12.96
N ASP A 228 -16.12 10.34 13.77
CA ASP A 228 -17.50 10.56 13.32
C ASP A 228 -17.90 12.03 13.35
N GLU A 229 -17.01 12.88 13.86
CA GLU A 229 -17.13 14.34 13.75
C GLU A 229 -16.55 14.88 12.43
N LEU A 230 -15.80 14.06 11.71
CA LEU A 230 -15.43 14.39 10.34
C LEU A 230 -16.59 14.19 9.34
N THR A 231 -16.41 14.72 8.14
CA THR A 231 -17.41 14.55 7.09
C THR A 231 -16.83 13.90 5.83
N HIS A 232 -15.74 14.45 5.36
CA HIS A 232 -15.18 14.11 4.06
C HIS A 232 -14.35 12.83 4.10
N VAL A 233 -13.55 12.64 5.15
CA VAL A 233 -12.78 11.37 5.28
C VAL A 233 -13.70 10.14 5.37
N PRO A 234 -14.74 10.17 6.23
CA PRO A 234 -15.65 9.01 6.32
C PRO A 234 -16.30 8.64 4.99
N ALA A 235 -16.73 9.63 4.23
CA ALA A 235 -17.36 9.40 2.93
C ALA A 235 -16.36 8.82 1.91
N TRP A 236 -15.18 9.39 1.86
CA TRP A 236 -14.14 8.88 0.99
C TRP A 236 -13.74 7.43 1.39
N LEU A 237 -13.61 7.18 2.69
CA LEU A 237 -13.24 5.83 3.15
C LEU A 237 -14.30 4.82 2.67
N GLU A 238 -15.58 5.20 2.81
CA GLU A 238 -16.70 4.39 2.33
C GLU A 238 -16.62 4.12 0.84
N ARG A 239 -16.32 5.16 0.05
CA ARG A 239 -16.16 4.99 -1.39
C ARG A 239 -15.02 4.00 -1.70
N GLY A 240 -13.91 4.13 -0.98
CA GLY A 240 -12.75 3.30 -1.23
C GLY A 240 -13.00 1.85 -0.85
N LEU A 241 -13.58 1.66 0.33
CA LEU A 241 -13.86 0.28 0.81
C LEU A 241 -14.96 -0.44 0.03
N ALA A 242 -15.74 0.29 -0.75
CA ALA A 242 -16.71 -0.31 -1.67
C ALA A 242 -16.09 -0.91 -2.91
N ARG A 243 -14.80 -0.63 -3.17
CA ARG A 243 -14.13 -1.18 -4.32
C ARG A 243 -13.70 -2.61 -4.06
N PRO A 244 -14.09 -3.55 -4.93
CA PRO A 244 -13.72 -4.95 -4.64
C PRO A 244 -12.21 -5.22 -4.57
N ALA A 245 -11.40 -4.53 -5.39
CA ALA A 245 -9.94 -4.68 -5.33
C ALA A 245 -9.38 -4.26 -3.97
N VAL A 246 -9.96 -3.20 -3.38
CA VAL A 246 -9.57 -2.74 -2.06
C VAL A 246 -9.93 -3.81 -1.03
N GLN A 247 -11.16 -4.32 -1.12
CA GLN A 247 -11.62 -5.35 -0.20
C GLN A 247 -10.67 -6.55 -0.21
N ARG A 248 -10.28 -6.98 -1.40
CA ARG A 248 -9.36 -8.10 -1.55
C ARG A 248 -7.96 -7.80 -1.01
N GLY A 249 -7.40 -6.66 -1.44
CA GLY A 249 -6.04 -6.29 -1.06
C GLY A 249 -5.79 -6.17 0.41
N LEU A 250 -6.82 -5.72 1.13
CA LEU A 250 -6.73 -5.51 2.56
C LEU A 250 -6.46 -6.77 3.36
N GLU A 251 -6.72 -7.91 2.74
CA GLU A 251 -6.56 -9.20 3.43
C GLU A 251 -5.36 -9.99 2.95
N ILE A 252 -4.49 -9.37 2.12
CA ILE A 252 -3.44 -10.10 1.42
C ILE A 252 -2.07 -9.55 1.80
N PRO A 253 -1.09 -10.44 2.11
CA PRO A 253 -1.20 -11.91 2.22
C PRO A 253 -1.94 -12.34 3.48
N LYS A 254 -2.46 -13.56 3.48
CA LYS A 254 -3.09 -14.11 4.66
C LYS A 254 -2.06 -14.23 5.80
N ARG A 255 -2.29 -13.46 6.87
CA ARG A 255 -1.42 -13.37 8.05
C ARG A 255 -1.01 -14.74 8.61
#